data_9CXO
#
_entry.id   9CXO
#
_cell.length_a   52.312
_cell.length_b   112.448
_cell.length_c   132.935
_cell.angle_alpha   90.00
_cell.angle_beta   90.00
_cell.angle_gamma   90.00
#
_symmetry.space_group_name_H-M   'P 21 21 21'
#
loop_
_entity.id
_entity.type
_entity.pdbx_description
1 polymer Fructosamine-3-kinase
2 non-polymer DI(HYDROXYETHYL)ETHER
3 non-polymer 'SULFATE ION'
4 non-polymer "ADENOSINE-5'-TRIPHOSPHATE"
5 non-polymer 1,2-ETHANEDIOL
6 non-polymer 'PHOSPHATE ION'
7 water water
#
_entity_poly.entity_id   1
_entity_poly.type   'polypeptide(L)'
_entity_poly.pdbx_seq_one_letter_code
;AMEQLLRAELRTATLRAFGGPGAGCISEGRAYDTDAGPVFVKVNRRTQARQMFEGEVASLEALRSTGLVRVPRPMKVIDL
PGGGAAFVMEHLKMKSLSSQASKLGEQMADLHLYNQKGSSYVDKFGFHTVTCCGFIPQVNEWQDDWPTFFARHRLQAQLD
LIEKDYADREARELWSRLQVKIPDLFCGLEIVPALLHGSLWSGNVAEDDVGPIIYDPASFYGHSEFELAIALMFGGFPRS
FFTAYHRKIPKAPGFDQRLLLYQLFNYLNHWNHFGREYRSPSLGTMRRLLK
;
_entity_poly.pdbx_strand_id   A,B
#
# COMPACT_ATOMS: atom_id res chain seq x y z
N ALA A 1 -3.81 22.61 2.23
CA ALA A 1 -4.01 21.99 0.94
C ALA A 1 -2.71 21.52 0.30
N MET A 2 -2.67 20.23 -0.05
CA MET A 2 -1.47 19.66 -0.64
C MET A 2 -1.11 20.33 -1.96
N GLU A 3 -2.10 20.52 -2.84
CA GLU A 3 -1.83 21.09 -4.15
C GLU A 3 -1.28 22.51 -4.04
N GLN A 4 -1.86 23.33 -3.13
CA GLN A 4 -1.35 24.68 -2.94
C GLN A 4 0.04 24.68 -2.35
N LEU A 5 0.30 23.80 -1.38
CA LEU A 5 1.65 23.69 -0.83
C LEU A 5 2.63 23.23 -1.90
N LEU A 6 2.21 22.28 -2.74
CA LEU A 6 3.08 21.81 -3.81
C LEU A 6 3.40 22.92 -4.80
N ARG A 7 2.41 23.72 -5.16
CA ARG A 7 2.65 24.83 -6.08
C ARG A 7 3.65 25.83 -5.49
N ALA A 8 3.52 26.13 -4.20
CA ALA A 8 4.44 27.06 -3.56
C ALA A 8 5.84 26.47 -3.42
N GLU A 9 5.93 25.20 -3.00
CA GLU A 9 7.24 24.61 -2.75
C GLU A 9 7.99 24.36 -4.04
N LEU A 10 7.29 24.00 -5.10
CA LEU A 10 7.92 23.77 -6.40
C LEU A 10 7.92 25.02 -7.28
N ARG A 11 7.31 26.12 -6.83
CA ARG A 11 7.27 27.39 -7.56
C ARG A 11 6.78 27.19 -8.99
N THR A 12 5.65 26.51 -9.12
CA THR A 12 5.05 26.21 -10.41
C THR A 12 3.64 26.75 -10.47
N ALA A 13 3.29 27.37 -11.60
CA ALA A 13 1.94 27.87 -11.80
C ALA A 13 0.96 26.74 -12.12
N THR A 14 1.42 25.68 -12.78
CA THR A 14 0.57 24.58 -13.22
C THR A 14 0.80 23.37 -12.33
N LEU A 15 -0.28 22.74 -11.87
CA LEU A 15 -0.19 21.51 -11.09
C LEU A 15 -1.43 20.66 -11.37
N ARG A 16 -1.29 19.68 -12.26
CA ARG A 16 -2.40 18.83 -12.69
C ARG A 16 -2.08 17.39 -12.31
N ALA A 17 -2.93 16.80 -11.48
CA ALA A 17 -2.77 15.41 -11.07
C ALA A 17 -3.19 14.50 -12.21
N PHE A 18 -2.29 13.62 -12.65
CA PHE A 18 -2.55 12.69 -13.73
C PHE A 18 -2.26 11.26 -13.29
N GLY A 19 -2.97 10.32 -13.91
CA GLY A 19 -2.81 8.92 -13.60
C GLY A 19 -3.59 8.51 -12.37
N GLY A 20 -3.49 7.22 -12.05
CA GLY A 20 -4.15 6.67 -10.89
C GLY A 20 -3.24 6.67 -9.69
N PRO A 21 -3.81 6.55 -8.49
CA PRO A 21 -3.00 6.69 -7.27
C PRO A 21 -1.92 5.62 -7.21
N GLY A 22 -0.74 6.03 -6.75
CA GLY A 22 0.39 5.12 -6.77
C GLY A 22 0.18 3.92 -5.87
N ALA A 23 0.69 2.77 -6.32
CA ALA A 23 0.45 1.50 -5.64
C ALA A 23 1.54 1.29 -4.58
N GLY A 24 1.50 2.16 -3.59
CA GLY A 24 2.44 2.11 -2.49
C GLY A 24 1.81 1.56 -1.21
N CYS A 25 2.58 0.73 -0.51
CA CYS A 25 2.20 0.25 0.80
C CYS A 25 2.69 1.19 1.89
N ILE A 26 3.91 1.73 1.73
CA ILE A 26 4.48 2.61 2.75
C ILE A 26 3.77 3.95 2.74
N SER A 27 3.62 4.54 1.55
CA SER A 27 3.13 5.91 1.42
C SER A 27 2.12 6.00 0.29
N GLU A 28 1.46 7.15 0.22
CA GLU A 28 0.50 7.45 -0.83
C GLU A 28 1.21 8.22 -1.95
N GLY A 29 1.09 7.72 -3.17
CA GLY A 29 1.79 8.33 -4.28
C GLY A 29 0.86 8.90 -5.33
N ARG A 30 1.15 10.13 -5.77
CA ARG A 30 0.36 10.81 -6.77
C ARG A 30 1.30 11.52 -7.72
N ALA A 31 0.98 11.50 -9.00
CA ALA A 31 1.80 12.10 -10.04
C ALA A 31 1.23 13.45 -10.43
N TYR A 32 2.09 14.47 -10.49
CA TYR A 32 1.63 15.83 -10.79
C TYR A 32 2.36 16.43 -12.00
N ASP A 33 1.60 17.22 -12.76
CA ASP A 33 2.07 17.92 -13.96
C ASP A 33 2.49 19.35 -13.61
N THR A 34 3.73 19.67 -13.95
CA THR A 34 4.33 20.92 -13.55
C THR A 34 4.98 21.57 -14.77
N ASP A 35 5.17 22.89 -14.67
CA ASP A 35 5.78 23.67 -15.74
C ASP A 35 7.18 23.19 -16.08
N ALA A 36 7.97 22.88 -15.06
CA ALA A 36 9.32 22.36 -15.31
C ALA A 36 9.24 20.94 -15.89
N GLY A 37 8.30 20.15 -15.40
CA GLY A 37 8.11 18.80 -15.89
C GLY A 37 7.26 17.99 -14.93
N PRO A 38 6.91 16.77 -15.33
CA PRO A 38 6.09 15.92 -14.45
C PRO A 38 6.87 15.49 -13.22
N VAL A 39 6.14 15.36 -12.10
CA VAL A 39 6.74 14.98 -10.84
C VAL A 39 5.90 13.88 -10.20
N PHE A 40 6.52 13.14 -9.29
CA PHE A 40 5.85 12.14 -8.47
C PHE A 40 6.05 12.50 -7.00
N VAL A 41 4.97 12.43 -6.22
CA VAL A 41 4.97 12.88 -4.84
C VAL A 41 4.52 11.73 -3.95
N LYS A 42 5.32 11.40 -2.95
CA LYS A 42 4.96 10.42 -1.93
C LYS A 42 4.67 11.15 -0.63
N VAL A 43 3.54 10.82 -0.01
CA VAL A 43 3.08 11.47 1.21
C VAL A 43 3.02 10.43 2.33
N ASN A 44 3.59 10.77 3.48
CA ASN A 44 3.54 9.91 4.65
C ASN A 44 3.26 10.78 5.88
N ARG A 45 2.29 10.39 6.68
CA ARG A 45 1.81 11.19 7.80
C ARG A 45 2.42 10.81 9.14
N ARG A 46 3.32 9.84 9.18
CA ARG A 46 3.94 9.47 10.44
C ARG A 46 4.90 10.57 10.90
N THR A 47 5.14 10.61 12.22
CA THR A 47 5.89 11.72 12.81
C THR A 47 7.31 11.80 12.24
N GLN A 48 7.98 10.65 12.10
CA GLN A 48 9.35 10.61 11.60
C GLN A 48 9.42 10.39 10.09
N ALA A 49 8.39 10.81 9.36
CA ALA A 49 8.37 10.63 7.91
C ALA A 49 9.55 11.33 7.24
N ARG A 50 9.99 12.46 7.78
CA ARG A 50 11.12 13.18 7.19
C ARG A 50 12.39 12.35 7.28
N GLN A 51 12.65 11.72 8.43
CA GLN A 51 13.84 10.88 8.57
C GLN A 51 13.80 9.73 7.56
N MET A 52 12.65 9.09 7.40
CA MET A 52 12.53 7.98 6.45
C MET A 52 12.77 8.45 5.02
N PHE A 53 12.20 9.61 4.66
CA PHE A 53 12.40 10.12 3.31
C PHE A 53 13.83 10.64 3.11
N GLU A 54 14.44 11.18 4.16
CA GLU A 54 15.82 11.65 4.02
C GLU A 54 16.78 10.49 3.82
N GLY A 55 16.51 9.35 4.47
CA GLY A 55 17.28 8.15 4.19
C GLY A 55 17.08 7.66 2.77
N GLU A 56 15.85 7.77 2.26
CA GLU A 56 15.58 7.40 0.88
C GLU A 56 16.29 8.35 -0.09
N VAL A 57 16.33 9.63 0.24
CA VAL A 57 17.07 10.59 -0.59
C VAL A 57 18.55 10.24 -0.58
N ALA A 58 19.12 10.02 0.61
CA ALA A 58 20.53 9.66 0.70
C ALA A 58 20.83 8.39 -0.08
N SER A 59 19.90 7.44 -0.08
CA SER A 59 20.10 6.21 -0.85
C SER A 59 20.08 6.50 -2.34
N LEU A 60 19.12 7.32 -2.80
CA LEU A 60 19.03 7.65 -4.21
C LEU A 60 20.30 8.38 -4.69
N GLU A 61 20.81 9.31 -3.87
CA GLU A 61 22.00 10.05 -4.26
C GLU A 61 23.22 9.13 -4.34
N ALA A 62 23.34 8.18 -3.41
CA ALA A 62 24.45 7.23 -3.45
C ALA A 62 24.39 6.38 -4.71
N LEU A 63 23.20 5.93 -5.09
CA LEU A 63 23.05 5.14 -6.30
C LEU A 63 23.32 6.00 -7.54
N ARG A 64 22.82 7.24 -7.54
CA ARG A 64 23.04 8.13 -8.68
C ARG A 64 24.52 8.46 -8.85
N SER A 65 25.26 8.54 -7.75
CA SER A 65 26.68 8.90 -7.84
C SER A 65 27.48 7.84 -8.59
N THR A 66 27.03 6.59 -8.56
CA THR A 66 27.71 5.54 -9.30
C THR A 66 27.53 5.68 -10.81
N GLY A 67 26.45 6.32 -11.25
CA GLY A 67 26.16 6.40 -12.67
C GLY A 67 25.82 5.09 -13.33
N LEU A 68 25.59 4.02 -12.56
CA LEU A 68 25.40 2.70 -13.12
C LEU A 68 23.94 2.27 -13.22
N VAL A 69 23.03 2.93 -12.51
CA VAL A 69 21.63 2.53 -12.48
C VAL A 69 20.76 3.77 -12.62
N ARG A 70 19.59 3.59 -13.24
CA ARG A 70 18.66 4.68 -13.45
C ARG A 70 17.64 4.73 -12.33
N VAL A 71 17.65 5.84 -11.59
CA VAL A 71 16.75 6.04 -10.45
C VAL A 71 16.20 7.45 -10.50
N PRO A 72 14.99 7.65 -9.98
CA PRO A 72 14.40 8.99 -10.03
C PRO A 72 15.22 9.99 -9.24
N ARG A 73 15.35 11.19 -9.78
CA ARG A 73 16.11 12.24 -9.12
C ARG A 73 15.29 12.82 -7.98
N PRO A 74 15.79 12.77 -6.74
CA PRO A 74 15.08 13.43 -5.64
C PRO A 74 15.11 14.94 -5.81
N MET A 75 13.99 15.58 -5.47
CA MET A 75 13.86 17.03 -5.64
C MET A 75 13.68 17.76 -4.32
N LYS A 76 12.70 17.38 -3.51
CA LYS A 76 12.40 18.15 -2.31
C LYS A 76 11.72 17.25 -1.28
N VAL A 77 12.06 17.46 -0.01
CA VAL A 77 11.36 16.88 1.12
C VAL A 77 10.70 18.03 1.87
N ILE A 78 9.38 17.95 2.04
CA ILE A 78 8.58 19.05 2.58
C ILE A 78 7.91 18.57 3.86
N ASP A 79 8.13 19.31 4.94
CA ASP A 79 7.43 19.02 6.19
C ASP A 79 5.97 19.40 6.05
N LEU A 80 5.08 18.50 6.42
CA LEU A 80 3.66 18.75 6.21
C LEU A 80 3.04 19.33 7.47
N PRO A 81 2.25 20.40 7.35
CA PRO A 81 1.46 20.85 8.50
C PRO A 81 0.52 19.75 8.98
N GLY A 82 0.51 19.53 10.29
CA GLY A 82 -0.19 18.41 10.85
C GLY A 82 0.64 17.14 10.99
N GLY A 83 1.95 17.23 10.82
CA GLY A 83 2.82 16.08 10.97
C GLY A 83 3.05 15.34 9.67
N GLY A 84 4.20 14.67 9.59
CA GLY A 84 4.56 13.94 8.40
C GLY A 84 5.33 14.79 7.41
N ALA A 85 5.50 14.23 6.22
CA ALA A 85 6.28 14.89 5.19
C ALA A 85 5.86 14.39 3.82
N ALA A 86 6.22 15.15 2.79
CA ALA A 86 6.05 14.77 1.40
C ALA A 86 7.42 14.71 0.72
N PHE A 87 7.56 13.76 -0.19
CA PHE A 87 8.80 13.56 -0.92
C PHE A 87 8.53 13.73 -2.41
N VAL A 88 9.14 14.76 -2.99
CA VAL A 88 8.96 15.07 -4.41
C VAL A 88 10.19 14.60 -5.16
N MET A 89 9.97 13.90 -6.28
CA MET A 89 11.06 13.41 -7.11
C MET A 89 10.65 13.50 -8.57
N GLU A 90 11.63 13.34 -9.45
CA GLU A 90 11.37 13.33 -10.88
C GLU A 90 10.41 12.20 -11.23
N HIS A 91 9.41 12.51 -12.06
CA HIS A 91 8.49 11.49 -12.52
C HIS A 91 9.08 10.70 -13.67
N LEU A 92 8.89 9.39 -13.63
CA LEU A 92 9.40 8.49 -14.66
C LEU A 92 8.27 7.65 -15.20
N LYS A 93 8.07 7.69 -16.52
CA LYS A 93 7.15 6.76 -17.17
C LYS A 93 7.72 5.35 -17.05
N MET A 94 6.97 4.46 -16.40
CA MET A 94 7.50 3.17 -16.01
C MET A 94 6.55 2.05 -16.38
N LYS A 95 7.12 0.89 -16.70
CA LYS A 95 6.38 -0.32 -17.01
C LYS A 95 7.08 -1.49 -16.32
N SER A 96 6.36 -2.61 -16.20
CA SER A 96 6.89 -3.76 -15.49
C SER A 96 8.18 -4.24 -16.13
N LEU A 97 9.12 -4.68 -15.30
CA LEU A 97 10.43 -5.10 -15.80
C LEU A 97 10.31 -6.46 -16.46
N SER A 98 10.65 -6.53 -17.75
CA SER A 98 10.67 -7.80 -18.46
C SER A 98 11.80 -7.82 -19.51
N SER A 99 11.63 -7.05 -20.59
CA SER A 99 12.62 -7.06 -21.65
C SER A 99 13.95 -6.48 -21.19
N GLN A 100 13.94 -5.57 -20.21
CA GLN A 100 15.15 -4.96 -19.70
C GLN A 100 15.71 -5.67 -18.48
N ALA A 101 15.22 -6.89 -18.20
CA ALA A 101 15.67 -7.61 -17.01
C ALA A 101 17.15 -7.97 -17.11
N SER A 102 17.58 -8.45 -18.28
CA SER A 102 18.98 -8.83 -18.45
C SER A 102 19.90 -7.62 -18.32
N LYS A 103 19.45 -6.46 -18.82
CA LYS A 103 20.23 -5.24 -18.63
C LYS A 103 20.34 -4.87 -17.15
N LEU A 104 19.24 -5.02 -16.40
CA LEU A 104 19.27 -4.71 -14.98
C LEU A 104 20.21 -5.64 -14.23
N GLY A 105 20.25 -6.92 -14.62
CA GLY A 105 21.17 -7.84 -13.98
C GLY A 105 22.62 -7.41 -14.11
N GLU A 106 23.01 -6.92 -15.28
CA GLU A 106 24.37 -6.43 -15.47
C GLU A 106 24.62 -5.16 -14.66
N GLN A 107 23.63 -4.28 -14.59
CA GLN A 107 23.80 -3.03 -13.85
C GLN A 107 23.91 -3.29 -12.35
N MET A 108 23.09 -4.21 -11.82
CA MET A 108 23.16 -4.53 -10.40
C MET A 108 24.51 -5.16 -10.05
N ALA A 109 25.02 -6.03 -10.92
CA ALA A 109 26.35 -6.61 -10.70
C ALA A 109 27.41 -5.53 -10.69
N ASP A 110 27.35 -4.62 -11.66
CA ASP A 110 28.29 -3.49 -11.68
C ASP A 110 28.17 -2.65 -10.42
N LEU A 111 26.94 -2.38 -9.98
CA LEU A 111 26.73 -1.62 -8.76
C LEU A 111 27.43 -2.27 -7.56
N HIS A 112 27.28 -3.59 -7.42
CA HIS A 112 27.90 -4.28 -6.30
C HIS A 112 29.42 -4.31 -6.40
N LEU A 113 29.96 -4.32 -7.62
CA LEU A 113 31.41 -4.32 -7.81
C LEU A 113 32.01 -2.92 -7.78
N TYR A 114 31.16 -1.88 -7.76
CA TYR A 114 31.63 -0.50 -7.88
C TYR A 114 32.58 -0.10 -6.74
N ASN A 115 32.21 -0.43 -5.49
CA ASN A 115 32.98 0.06 -4.35
C ASN A 115 34.38 -0.53 -4.27
N GLN A 116 34.52 -1.83 -4.55
CA GLN A 116 35.82 -2.47 -4.38
C GLN A 116 36.79 -2.06 -5.48
N LYS A 117 36.27 -1.72 -6.65
CA LYS A 117 37.07 -1.46 -7.84
C LYS A 117 37.18 0.03 -8.16
N GLY A 118 36.64 0.90 -7.32
CA GLY A 118 36.70 2.32 -7.54
C GLY A 118 37.97 2.95 -6.99
N SER A 119 37.99 4.29 -7.01
CA SER A 119 39.17 5.04 -6.57
C SER A 119 39.23 5.19 -5.06
N SER A 120 38.09 5.42 -4.40
CA SER A 120 38.02 5.53 -2.96
C SER A 120 37.14 4.39 -2.47
N TYR A 121 37.62 3.66 -1.47
CA TYR A 121 37.09 2.34 -1.14
C TYR A 121 36.52 2.33 0.26
N VAL A 122 35.23 2.08 0.37
CA VAL A 122 34.55 1.93 1.65
C VAL A 122 34.91 0.54 2.18
N ASP A 123 35.73 0.49 3.23
CA ASP A 123 36.24 -0.77 3.75
C ASP A 123 35.45 -1.27 4.95
N LYS A 124 34.22 -0.78 5.13
CA LYS A 124 33.38 -1.24 6.22
C LYS A 124 31.96 -1.43 5.71
N PHE A 125 31.18 -2.19 6.47
CA PHE A 125 29.79 -2.45 6.15
C PHE A 125 28.91 -1.52 6.97
N GLY A 126 27.93 -0.91 6.32
CA GLY A 126 27.09 0.09 6.97
C GLY A 126 26.74 1.23 6.05
N PHE A 127 26.47 2.40 6.62
CA PHE A 127 26.08 3.56 5.83
C PHE A 127 26.30 4.82 6.66
N HIS A 128 26.46 5.95 5.96
CA HIS A 128 26.73 7.21 6.62
C HIS A 128 25.50 7.77 7.31
N THR A 129 24.30 7.28 7.00
CA THR A 129 23.07 7.79 7.58
C THR A 129 22.08 6.66 7.78
N VAL A 130 21.01 6.95 8.50
CA VAL A 130 19.96 5.99 8.76
C VAL A 130 19.11 5.80 7.50
N THR A 131 18.85 4.54 7.15
CA THR A 131 17.87 4.19 6.14
C THR A 131 16.82 3.28 6.76
N CYS A 132 15.63 3.27 6.19
CA CYS A 132 14.49 2.56 6.75
C CYS A 132 14.14 1.36 5.89
N CYS A 133 14.02 0.20 6.52
CA CYS A 133 13.44 -0.99 5.89
C CYS A 133 11.94 -0.93 6.13
N GLY A 134 11.21 -0.50 5.11
CA GLY A 134 9.80 -0.20 5.29
C GLY A 134 9.64 0.99 6.21
N PHE A 135 8.95 0.80 7.34
CA PHE A 135 8.81 1.85 8.33
C PHE A 135 9.84 1.78 9.45
N ILE A 136 10.62 0.70 9.53
CA ILE A 136 11.53 0.47 10.64
C ILE A 136 12.85 1.16 10.33
N PRO A 137 13.29 2.13 11.13
CA PRO A 137 14.64 2.67 10.95
C PRO A 137 15.68 1.63 11.31
N GLN A 138 16.78 1.64 10.58
CA GLN A 138 17.84 0.64 10.74
C GLN A 138 19.13 1.31 11.19
N VAL A 139 19.81 0.66 12.13
CA VAL A 139 21.15 1.11 12.52
C VAL A 139 22.13 0.72 11.43
N ASN A 140 22.88 1.71 10.94
CA ASN A 140 23.87 1.50 9.90
C ASN A 140 25.28 1.79 10.40
N GLU A 141 25.50 1.67 11.71
CA GLU A 141 26.83 1.87 12.30
C GLU A 141 27.88 1.03 11.59
N TRP A 142 28.96 1.68 11.19
CA TRP A 142 30.00 1.02 10.42
C TRP A 142 30.60 -0.16 11.18
N GLN A 143 30.82 -1.26 10.47
CA GLN A 143 31.33 -2.48 11.06
C GLN A 143 32.34 -3.12 10.12
N ASP A 144 33.45 -3.60 10.69
CA ASP A 144 34.50 -4.19 9.87
C ASP A 144 34.10 -5.57 9.35
N ASP A 145 33.29 -6.30 10.10
CA ASP A 145 32.95 -7.69 9.80
C ASP A 145 31.49 -7.76 9.35
N TRP A 146 31.26 -8.32 8.17
CA TRP A 146 29.88 -8.41 7.66
C TRP A 146 29.01 -9.34 8.51
N PRO A 147 29.42 -10.58 8.83
CA PRO A 147 28.58 -11.40 9.71
C PRO A 147 28.27 -10.73 11.03
N THR A 148 29.21 -9.92 11.54
CA THR A 148 28.94 -9.12 12.74
C THR A 148 27.87 -8.06 12.47
N PHE A 149 28.01 -7.32 11.37
CA PHE A 149 27.03 -6.30 11.03
C PHE A 149 25.64 -6.90 10.81
N PHE A 150 25.58 -8.00 10.06
CA PHE A 150 24.29 -8.61 9.76
C PHE A 150 23.64 -9.19 11.01
N ALA A 151 24.42 -9.83 11.87
CA ALA A 151 23.85 -10.42 13.08
C ALA A 151 23.35 -9.35 14.04
N ARG A 152 24.14 -8.29 14.25
CA ARG A 152 23.78 -7.27 15.24
C ARG A 152 22.71 -6.33 14.72
N HIS A 153 22.98 -5.66 13.60
CA HIS A 153 22.17 -4.55 13.14
C HIS A 153 21.10 -4.96 12.14
N ARG A 154 20.98 -6.25 11.84
CA ARG A 154 19.90 -6.75 10.99
C ARG A 154 19.10 -7.85 11.69
N LEU A 155 19.72 -8.99 11.99
CA LEU A 155 18.98 -10.08 12.61
C LEU A 155 18.59 -9.76 14.06
N GLN A 156 19.56 -9.32 14.87
CA GLN A 156 19.26 -9.04 16.27
C GLN A 156 18.32 -7.85 16.42
N ALA A 157 18.49 -6.82 15.57
CA ALA A 157 17.61 -5.67 15.63
C ALA A 157 16.16 -6.07 15.35
N GLN A 158 15.95 -6.93 14.36
CA GLN A 158 14.60 -7.41 14.06
C GLN A 158 14.08 -8.29 15.19
N LEU A 159 14.92 -9.19 15.72
CA LEU A 159 14.48 -10.10 16.75
C LEU A 159 14.22 -9.39 18.08
N ASP A 160 14.98 -8.32 18.36
CA ASP A 160 14.68 -7.51 19.54
C ASP A 160 13.29 -6.88 19.43
N LEU A 161 12.94 -6.38 18.23
CA LEU A 161 11.61 -5.81 18.03
C LEU A 161 10.53 -6.88 18.20
N ILE A 162 10.79 -8.10 17.73
CA ILE A 162 9.82 -9.18 17.89
C ILE A 162 9.62 -9.49 19.37
N GLU A 163 10.71 -9.51 20.14
CA GLU A 163 10.58 -9.75 21.58
C GLU A 163 9.81 -8.64 22.26
N LYS A 164 10.06 -7.39 21.88
CA LYS A 164 9.35 -6.28 22.49
C LYS A 164 7.87 -6.29 22.11
N ASP A 165 7.56 -6.57 20.85
CA ASP A 165 6.18 -6.46 20.38
C ASP A 165 5.38 -7.75 20.59
N TYR A 166 6.00 -8.92 20.50
CA TYR A 166 5.29 -10.18 20.59
C TYR A 166 5.78 -11.11 21.68
N ALA A 167 6.98 -10.91 22.23
CA ALA A 167 7.56 -11.78 23.25
C ALA A 167 7.44 -13.25 22.88
N ASP A 168 7.88 -13.57 21.67
CA ASP A 168 7.77 -14.93 21.13
C ASP A 168 8.92 -15.77 21.69
N ARG A 169 8.58 -16.74 22.54
CA ARG A 169 9.60 -17.55 23.20
C ARG A 169 10.35 -18.43 22.20
N GLU A 170 9.65 -18.97 21.19
CA GLU A 170 10.31 -19.85 20.23
C GLU A 170 11.39 -19.10 19.44
N ALA A 171 11.09 -17.87 19.02
CA ALA A 171 12.09 -17.07 18.32
C ALA A 171 13.31 -16.79 19.20
N ARG A 172 13.07 -16.50 20.49
CA ARG A 172 14.16 -16.26 21.42
C ARG A 172 15.08 -17.48 21.54
N GLU A 173 14.48 -18.66 21.68
CA GLU A 173 15.27 -19.87 21.88
C GLU A 173 16.02 -20.29 20.63
N LEU A 174 15.35 -20.24 19.47
CA LEU A 174 16.01 -20.61 18.22
C LEU A 174 17.16 -19.66 17.89
N TRP A 175 16.97 -18.37 18.16
CA TRP A 175 18.04 -17.41 17.91
C TRP A 175 19.24 -17.68 18.79
N SER A 176 19.01 -18.13 20.03
CA SER A 176 20.12 -18.44 20.92
C SER A 176 21.01 -19.53 20.33
N ARG A 177 20.43 -20.53 19.68
CA ARG A 177 21.22 -21.59 19.06
C ARG A 177 21.81 -21.17 17.71
N LEU A 178 21.02 -20.49 16.87
CA LEU A 178 21.49 -20.13 15.54
C LEU A 178 22.55 -19.04 15.57
N GLN A 179 22.52 -18.17 16.58
CA GLN A 179 23.45 -17.05 16.65
C GLN A 179 24.91 -17.50 16.62
N VAL A 180 25.22 -18.61 17.29
CA VAL A 180 26.59 -19.11 17.32
C VAL A 180 26.99 -19.73 15.98
N LYS A 181 26.02 -20.24 15.22
CA LYS A 181 26.29 -20.98 13.99
C LYS A 181 26.60 -20.09 12.80
N ILE A 182 26.26 -18.80 12.87
CA ILE A 182 26.32 -17.93 11.69
C ILE A 182 27.71 -17.91 11.05
N PRO A 183 28.83 -17.80 11.80
CA PRO A 183 30.15 -17.76 11.15
C PRO A 183 30.45 -18.92 10.21
N ASP A 184 29.80 -20.06 10.41
CA ASP A 184 30.08 -21.22 9.55
C ASP A 184 29.68 -20.96 8.10
N LEU A 185 28.68 -20.10 7.87
CA LEU A 185 28.26 -19.85 6.50
C LEU A 185 29.16 -18.87 5.77
N PHE A 186 30.09 -18.21 6.46
CA PHE A 186 30.97 -17.22 5.86
C PHE A 186 32.45 -17.56 5.95
N CYS A 187 32.82 -18.68 6.55
CA CYS A 187 34.23 -19.05 6.64
C CYS A 187 34.80 -19.38 5.27
N GLY A 188 36.07 -19.02 5.08
CA GLY A 188 36.79 -19.27 3.85
C GLY A 188 36.38 -18.42 2.66
N LEU A 189 35.62 -17.36 2.87
CA LEU A 189 35.17 -16.49 1.79
C LEU A 189 35.62 -15.06 2.05
N GLU A 190 35.98 -14.36 0.97
CA GLU A 190 36.28 -12.93 1.03
C GLU A 190 35.00 -12.14 0.80
N ILE A 191 34.53 -11.45 1.84
CA ILE A 191 33.36 -10.58 1.74
C ILE A 191 33.85 -9.14 1.62
N VAL A 192 33.46 -8.48 0.54
CA VAL A 192 33.82 -7.08 0.30
C VAL A 192 32.58 -6.19 0.43
N PRO A 193 32.65 -5.04 1.09
CA PRO A 193 31.49 -4.13 1.13
C PRO A 193 31.05 -3.75 -0.27
N ALA A 194 29.74 -3.83 -0.50
CA ALA A 194 29.14 -3.51 -1.79
C ALA A 194 27.94 -2.59 -1.57
N LEU A 195 27.85 -1.53 -2.36
CA LEU A 195 26.71 -0.64 -2.29
C LEU A 195 25.46 -1.37 -2.75
N LEU A 196 24.45 -1.44 -1.88
CA LEU A 196 23.23 -2.18 -2.15
C LEU A 196 22.05 -1.23 -2.33
N HIS A 197 21.13 -1.62 -3.21
CA HIS A 197 19.84 -0.93 -3.28
C HIS A 197 19.11 -1.03 -1.94
N GLY A 198 19.06 -2.23 -1.36
CA GLY A 198 18.55 -2.46 -0.03
C GLY A 198 17.20 -3.16 0.02
N SER A 199 16.35 -2.94 -0.99
CA SER A 199 15.05 -3.62 -1.06
C SER A 199 14.69 -3.84 -2.52
N LEU A 200 15.48 -4.66 -3.20
CA LEU A 200 15.33 -4.88 -4.65
C LEU A 200 14.32 -6.00 -4.93
N TRP A 201 13.10 -5.79 -4.48
CA TRP A 201 12.03 -6.69 -4.89
C TRP A 201 11.35 -6.18 -6.15
N SER A 202 10.62 -7.10 -6.80
CA SER A 202 10.04 -6.80 -8.11
C SER A 202 9.18 -5.54 -8.07
N GLY A 203 8.55 -5.25 -6.93
CA GLY A 203 7.74 -4.05 -6.80
C GLY A 203 8.54 -2.76 -6.83
N ASN A 204 9.86 -2.81 -6.68
CA ASN A 204 10.68 -1.61 -6.65
C ASN A 204 11.54 -1.44 -7.90
N VAL A 205 11.30 -2.23 -8.95
CA VAL A 205 12.04 -2.13 -10.20
C VAL A 205 11.04 -2.04 -11.35
N ALA A 206 11.48 -1.41 -12.44
CA ALA A 206 10.62 -1.19 -13.60
C ALA A 206 11.51 -0.92 -14.81
N GLU A 207 10.90 -0.39 -15.87
CA GLU A 207 11.64 -0.11 -17.10
C GLU A 207 10.88 0.92 -17.92
N ASP A 208 11.61 1.56 -18.83
CA ASP A 208 11.02 2.42 -19.85
C ASP A 208 11.64 2.01 -21.19
N ASP A 209 11.56 2.91 -22.17
CA ASP A 209 12.14 2.60 -23.47
C ASP A 209 13.65 2.70 -23.47
N VAL A 210 14.24 3.55 -22.62
CA VAL A 210 15.69 3.59 -22.50
C VAL A 210 16.21 2.35 -21.78
N GLY A 211 15.52 1.92 -20.71
CA GLY A 211 15.98 0.75 -19.98
C GLY A 211 15.40 0.57 -18.59
N PRO A 212 16.07 -0.25 -17.78
CA PRO A 212 15.54 -0.59 -16.46
C PRO A 212 15.63 0.58 -15.50
N ILE A 213 14.72 0.62 -14.54
CA ILE A 213 14.65 1.64 -13.52
C ILE A 213 14.43 0.97 -12.18
N ILE A 214 15.12 1.45 -11.15
CA ILE A 214 14.91 0.99 -9.79
C ILE A 214 14.67 2.21 -8.91
N TYR A 215 13.96 2.01 -7.81
CA TYR A 215 13.52 3.11 -6.97
C TYR A 215 13.21 2.57 -5.57
N ASP A 216 12.87 3.49 -4.66
CA ASP A 216 12.51 3.20 -3.28
C ASP A 216 13.61 2.43 -2.56
N PRO A 217 14.86 2.88 -2.62
CA PRO A 217 15.94 2.09 -2.02
C PRO A 217 16.10 2.38 -0.53
N ALA A 218 16.73 1.43 0.16
CA ALA A 218 17.14 1.58 1.56
C ALA A 218 18.60 1.10 1.61
N SER A 219 19.50 1.99 1.20
CA SER A 219 20.84 1.57 0.82
C SER A 219 21.76 1.44 2.03
N PHE A 220 22.78 0.61 1.85
CA PHE A 220 23.89 0.44 2.80
C PHE A 220 24.93 -0.42 2.11
N TYR A 221 26.13 -0.44 2.69
CA TYR A 221 27.22 -1.27 2.18
C TYR A 221 27.15 -2.63 2.88
N GLY A 222 26.83 -3.66 2.11
CA GLY A 222 26.71 -5.00 2.68
C GLY A 222 27.21 -6.09 1.77
N HIS A 223 26.87 -7.34 2.11
CA HIS A 223 27.16 -8.46 1.22
C HIS A 223 26.26 -8.40 0.00
N SER A 224 26.85 -8.52 -1.19
CA SER A 224 26.07 -8.43 -2.42
C SER A 224 24.99 -9.50 -2.49
N GLU A 225 25.21 -10.66 -1.86
CA GLU A 225 24.22 -11.73 -1.91
C GLU A 225 22.93 -11.35 -1.20
N PHE A 226 23.01 -10.52 -0.15
CA PHE A 226 21.80 -10.10 0.56
C PHE A 226 20.83 -9.41 -0.37
N GLU A 227 21.35 -8.67 -1.34
CA GLU A 227 20.50 -7.97 -2.30
C GLU A 227 19.62 -8.95 -3.07
N LEU A 228 20.14 -10.12 -3.40
CA LEU A 228 19.35 -11.05 -4.20
C LEU A 228 18.21 -11.71 -3.42
N ALA A 229 18.23 -11.63 -2.08
CA ALA A 229 17.24 -12.34 -1.26
C ALA A 229 15.81 -11.85 -1.56
N ILE A 230 15.56 -10.56 -1.40
CA ILE A 230 14.41 -9.84 -1.91
C ILE A 230 14.01 -10.30 -3.30
N ALA A 231 14.96 -10.32 -4.24
CA ALA A 231 14.65 -10.60 -5.64
C ALA A 231 14.13 -12.03 -5.85
N LEU A 232 14.75 -13.03 -5.21
CA LEU A 232 14.31 -14.40 -5.36
C LEU A 232 13.04 -14.66 -4.55
N MET A 233 12.94 -14.11 -3.34
CA MET A 233 11.92 -14.53 -2.39
C MET A 233 10.51 -14.28 -2.93
N PHE A 234 10.23 -13.05 -3.33
CA PHE A 234 8.89 -12.63 -3.69
C PHE A 234 8.61 -12.73 -5.18
N GLY A 235 9.51 -13.34 -5.96
CA GLY A 235 9.25 -13.52 -7.37
C GLY A 235 9.15 -12.19 -8.10
N GLY A 236 8.74 -12.30 -9.37
CA GLY A 236 8.54 -11.15 -10.21
C GLY A 236 9.71 -10.79 -11.10
N PHE A 237 10.89 -11.34 -10.83
CA PHE A 237 12.07 -11.07 -11.65
C PHE A 237 12.21 -12.16 -12.71
N PRO A 238 12.35 -11.81 -13.98
CA PRO A 238 12.62 -12.83 -15.00
C PRO A 238 13.94 -13.52 -14.73
N ARG A 239 14.05 -14.76 -15.24
CA ARG A 239 15.27 -15.54 -15.05
C ARG A 239 16.50 -14.83 -15.62
N SER A 240 16.32 -14.09 -16.71
CA SER A 240 17.45 -13.43 -17.36
C SER A 240 18.13 -12.42 -16.44
N PHE A 241 17.37 -11.85 -15.48
CA PHE A 241 17.98 -10.96 -14.50
C PHE A 241 19.07 -11.68 -13.72
N PHE A 242 18.73 -12.84 -13.15
CA PHE A 242 19.70 -13.59 -12.36
C PHE A 242 20.79 -14.18 -13.24
N THR A 243 20.44 -14.61 -14.46
CA THR A 243 21.43 -15.15 -15.38
C THR A 243 22.47 -14.09 -15.75
N ALA A 244 22.02 -12.89 -16.13
CA ALA A 244 22.95 -11.82 -16.46
C ALA A 244 23.77 -11.41 -15.26
N TYR A 245 23.15 -11.34 -14.08
CA TYR A 245 23.87 -10.94 -12.88
C TYR A 245 25.00 -11.91 -12.56
N HIS A 246 24.69 -13.21 -12.52
CA HIS A 246 25.65 -14.20 -12.08
C HIS A 246 26.72 -14.52 -13.11
N ARG A 247 26.56 -14.03 -14.35
CA ARG A 247 27.67 -14.09 -15.29
C ARG A 247 28.82 -13.20 -14.86
N LYS A 248 28.52 -12.08 -14.22
CA LYS A 248 29.55 -11.18 -13.71
C LYS A 248 29.92 -11.47 -12.27
N ILE A 249 28.97 -11.91 -11.44
CA ILE A 249 29.25 -12.30 -10.06
C ILE A 249 28.70 -13.70 -9.84
N PRO A 250 29.50 -14.74 -10.07
CA PRO A 250 29.02 -16.11 -9.87
C PRO A 250 28.66 -16.36 -8.41
N LYS A 251 27.80 -17.36 -8.20
CA LYS A 251 27.41 -17.75 -6.86
C LYS A 251 28.61 -18.34 -6.15
N ALA A 252 29.04 -17.70 -5.06
CA ALA A 252 30.14 -18.22 -4.26
C ALA A 252 29.72 -19.49 -3.54
N PRO A 253 30.68 -20.32 -3.13
CA PRO A 253 30.33 -21.54 -2.39
C PRO A 253 29.55 -21.21 -1.12
N GLY A 254 28.51 -22.01 -0.87
CA GLY A 254 27.62 -21.73 0.24
C GLY A 254 26.53 -20.72 -0.05
N PHE A 255 26.30 -20.40 -1.32
CA PHE A 255 25.30 -19.41 -1.69
C PHE A 255 23.92 -19.80 -1.17
N ASP A 256 23.54 -21.07 -1.35
CA ASP A 256 22.19 -21.50 -0.99
C ASP A 256 21.96 -21.47 0.51
N GLN A 257 23.00 -21.73 1.31
CA GLN A 257 22.84 -21.69 2.75
C GLN A 257 22.74 -20.26 3.27
N ARG A 258 23.57 -19.36 2.75
CA ARG A 258 23.46 -17.95 3.10
C ARG A 258 22.14 -17.36 2.63
N LEU A 259 21.60 -17.88 1.53
CA LEU A 259 20.30 -17.41 1.05
C LEU A 259 19.21 -17.63 2.09
N LEU A 260 19.24 -18.79 2.76
CA LEU A 260 18.33 -19.02 3.88
C LEU A 260 18.50 -17.97 4.96
N LEU A 261 19.76 -17.61 5.27
CA LEU A 261 20.01 -16.60 6.30
C LEU A 261 19.45 -15.25 5.87
N TYR A 262 19.65 -14.86 4.61
CA TYR A 262 19.16 -13.57 4.15
C TYR A 262 17.65 -13.56 3.97
N GLN A 263 17.06 -14.69 3.59
CA GLN A 263 15.61 -14.79 3.55
C GLN A 263 15.01 -14.69 4.94
N LEU A 264 15.74 -15.18 5.96
CA LEU A 264 15.27 -15.09 7.33
C LEU A 264 15.07 -13.64 7.76
N PHE A 265 16.02 -12.76 7.44
CA PHE A 265 15.89 -11.36 7.81
C PHE A 265 14.59 -10.76 7.28
N ASN A 266 14.27 -11.03 6.01
CA ASN A 266 13.07 -10.44 5.42
C ASN A 266 11.81 -11.03 6.02
N TYR A 267 11.84 -12.32 6.42
CA TYR A 267 10.69 -12.90 7.11
C TYR A 267 10.48 -12.24 8.47
N LEU A 268 11.56 -12.03 9.22
CA LEU A 268 11.46 -11.30 10.49
C LEU A 268 10.95 -9.89 10.27
N ASN A 269 11.48 -9.20 9.25
CA ASN A 269 11.04 -7.84 8.95
C ASN A 269 9.56 -7.80 8.59
N HIS A 270 9.07 -8.82 7.87
CA HIS A 270 7.65 -8.88 7.55
C HIS A 270 6.83 -9.28 8.77
N TRP A 271 7.42 -10.04 9.70
CA TRP A 271 6.74 -10.35 10.95
C TRP A 271 6.53 -9.08 11.77
N ASN A 272 7.55 -8.23 11.87
CA ASN A 272 7.41 -6.99 12.63
C ASN A 272 6.45 -6.03 11.95
N HIS A 273 6.33 -6.10 10.62
CA HIS A 273 5.45 -5.18 9.90
C HIS A 273 4.01 -5.67 9.88
N PHE A 274 3.81 -6.96 9.54
CA PHE A 274 2.49 -7.45 9.20
C PHE A 274 1.91 -8.45 10.20
N GLY A 275 2.71 -9.04 11.07
CA GLY A 275 2.15 -9.81 12.16
C GLY A 275 2.35 -11.30 12.01
N ARG A 276 1.48 -12.05 12.70
CA ARG A 276 1.69 -13.48 12.94
C ARG A 276 1.74 -14.30 11.66
N GLU A 277 1.25 -13.76 10.54
CA GLU A 277 1.32 -14.49 9.27
C GLU A 277 2.75 -14.89 8.93
N TYR A 278 3.74 -14.11 9.36
CA TYR A 278 5.13 -14.38 9.06
C TYR A 278 5.88 -15.05 10.22
N ARG A 279 5.17 -15.49 11.26
CA ARG A 279 5.84 -16.23 12.33
C ARG A 279 6.32 -17.58 11.85
N SER A 280 5.45 -18.35 11.20
CA SER A 280 5.83 -19.68 10.71
C SER A 280 6.98 -19.63 9.71
N PRO A 281 7.01 -18.75 8.71
CA PRO A 281 8.20 -18.67 7.84
C PRO A 281 9.46 -18.29 8.60
N SER A 282 9.37 -17.35 9.53
CA SER A 282 10.55 -16.93 10.28
C SER A 282 11.09 -18.08 11.12
N LEU A 283 10.23 -18.76 11.87
CA LEU A 283 10.67 -19.87 12.71
C LEU A 283 11.12 -21.06 11.87
N GLY A 284 10.38 -21.37 10.81
CA GLY A 284 10.75 -22.48 9.96
C GLY A 284 12.11 -22.29 9.30
N THR A 285 12.41 -21.07 8.86
CA THR A 285 13.71 -20.80 8.26
C THR A 285 14.83 -20.99 9.27
N MET A 286 14.60 -20.56 10.53
CA MET A 286 15.60 -20.78 11.57
C MET A 286 15.82 -22.26 11.83
N ARG A 287 14.74 -23.06 11.81
CA ARG A 287 14.87 -24.50 12.01
C ARG A 287 15.65 -25.16 10.88
N ARG A 288 15.37 -24.77 9.64
CA ARG A 288 16.10 -25.33 8.50
C ARG A 288 17.59 -25.01 8.61
N LEU A 289 17.92 -23.81 9.10
CA LEU A 289 19.34 -23.45 9.25
C LEU A 289 20.00 -24.25 10.36
N LEU A 290 19.24 -24.65 11.37
CA LEU A 290 19.79 -25.43 12.48
C LEU A 290 19.77 -26.93 12.22
N LYS A 291 19.17 -27.38 11.13
CA LYS A 291 19.08 -28.80 10.81
C LYS A 291 20.35 -29.29 10.14
N ALA B 1 -1.78 -15.68 -20.74
CA ALA B 1 -3.00 -16.47 -20.62
C ALA B 1 -4.24 -15.62 -20.39
N MET B 2 -4.07 -14.50 -19.67
CA MET B 2 -5.20 -13.62 -19.36
C MET B 2 -5.81 -13.05 -20.63
N GLU B 3 -4.97 -12.53 -21.53
CA GLU B 3 -5.47 -11.90 -22.75
C GLU B 3 -6.24 -12.90 -23.60
N GLN B 4 -5.73 -14.13 -23.71
CA GLN B 4 -6.45 -15.16 -24.45
C GLN B 4 -7.74 -15.54 -23.74
N LEU B 5 -7.70 -15.66 -22.41
CA LEU B 5 -8.92 -15.93 -21.66
C LEU B 5 -9.91 -14.79 -21.80
N LEU B 6 -9.43 -13.54 -21.75
CA LEU B 6 -10.33 -12.40 -21.88
C LEU B 6 -11.00 -12.38 -23.25
N ARG B 7 -10.24 -12.68 -24.31
CA ARG B 7 -10.82 -12.73 -25.65
C ARG B 7 -11.92 -13.78 -25.73
N ALA B 8 -11.71 -14.95 -25.12
CA ALA B 8 -12.70 -16.01 -25.15
C ALA B 8 -13.94 -15.65 -24.35
N GLU B 9 -13.75 -15.12 -23.13
CA GLU B 9 -14.89 -14.84 -22.27
C GLU B 9 -15.69 -13.64 -22.78
N LEU B 10 -15.03 -12.66 -23.37
CA LEU B 10 -15.72 -11.50 -23.93
C LEU B 10 -16.09 -11.69 -25.40
N ARG B 11 -15.70 -12.82 -26.00
CA ARG B 11 -16.02 -13.15 -27.39
C ARG B 11 -15.62 -12.00 -28.32
N THR B 12 -14.37 -11.56 -28.18
CA THR B 12 -13.83 -10.48 -28.99
C THR B 12 -12.57 -10.96 -29.71
N ALA B 13 -12.47 -10.63 -30.99
CA ALA B 13 -11.27 -10.96 -31.74
C ALA B 13 -10.12 -10.02 -31.41
N THR B 14 -10.44 -8.76 -31.09
CA THR B 14 -9.45 -7.74 -30.81
C THR B 14 -9.41 -7.44 -29.32
N LEU B 15 -8.20 -7.36 -28.76
CA LEU B 15 -7.99 -6.98 -27.37
C LEU B 15 -6.71 -6.18 -27.34
N ARG B 16 -6.83 -4.85 -27.33
CA ARG B 16 -5.70 -3.95 -27.43
C ARG B 16 -5.64 -3.11 -26.16
N ALA B 17 -4.53 -3.25 -25.43
CA ALA B 17 -4.33 -2.51 -24.19
C ALA B 17 -3.94 -1.07 -24.49
N PHE B 18 -4.69 -0.13 -23.92
CA PHE B 18 -4.40 1.29 -24.07
C PHE B 18 -4.27 1.92 -22.69
N GLY B 19 -3.45 2.97 -22.62
CA GLY B 19 -3.19 3.66 -21.38
C GLY B 19 -2.14 3.02 -20.49
N GLY B 20 -1.81 1.75 -20.72
CA GLY B 20 -0.84 1.02 -19.92
C GLY B 20 -1.00 1.28 -18.44
N PRO B 21 -2.21 1.02 -17.91
CA PRO B 21 -2.52 1.46 -16.55
C PRO B 21 -1.65 0.82 -15.48
N GLY B 22 -1.76 -0.50 -15.31
CA GLY B 22 -1.13 -1.10 -14.15
C GLY B 22 -1.60 -0.48 -12.86
N ALA B 23 -2.85 0.00 -12.83
CA ALA B 23 -3.37 0.79 -11.74
C ALA B 23 -4.05 -0.08 -10.69
N GLY B 24 -4.08 0.43 -9.47
CA GLY B 24 -4.72 -0.25 -8.37
C GLY B 24 -3.71 -0.79 -7.37
N CYS B 25 -4.03 -0.64 -6.08
CA CYS B 25 -3.25 -1.26 -5.02
C CYS B 25 -3.76 -2.65 -4.67
N ILE B 26 -5.08 -2.83 -4.62
CA ILE B 26 -5.65 -4.13 -4.27
C ILE B 26 -5.48 -5.11 -5.42
N SER B 27 -5.77 -4.67 -6.64
CA SER B 27 -5.78 -5.54 -7.81
C SER B 27 -5.02 -4.86 -8.94
N GLU B 28 -4.74 -5.63 -9.99
CA GLU B 28 -4.07 -5.13 -11.17
C GLU B 28 -5.13 -4.75 -12.22
N GLY B 29 -5.08 -3.50 -12.68
CA GLY B 29 -6.08 -3.00 -13.61
C GLY B 29 -5.53 -2.60 -14.96
N ARG B 30 -6.19 -3.03 -16.03
CA ARG B 30 -5.74 -2.73 -17.38
C ARG B 30 -6.95 -2.46 -18.27
N ALA B 31 -6.80 -1.49 -19.16
CA ALA B 31 -7.86 -1.09 -20.09
C ALA B 31 -7.60 -1.71 -21.46
N TYR B 32 -8.62 -2.36 -22.01
CA TYR B 32 -8.52 -3.04 -23.30
C TYR B 32 -9.60 -2.56 -24.25
N ASP B 33 -9.25 -2.49 -25.53
CA ASP B 33 -10.18 -2.09 -26.58
C ASP B 33 -10.69 -3.37 -27.25
N THR B 34 -12.01 -3.51 -27.31
CA THR B 34 -12.65 -4.74 -27.76
C THR B 34 -13.63 -4.41 -28.88
N ASP B 35 -14.06 -5.46 -29.58
CA ASP B 35 -15.01 -5.29 -30.68
C ASP B 35 -16.28 -4.60 -30.21
N ALA B 36 -16.80 -5.00 -29.05
CA ALA B 36 -17.98 -4.34 -28.50
C ALA B 36 -17.66 -2.93 -28.01
N GLY B 37 -16.50 -2.75 -27.38
CA GLY B 37 -16.09 -1.46 -26.88
C GLY B 37 -14.97 -1.57 -25.87
N PRO B 38 -14.45 -0.44 -25.41
CA PRO B 38 -13.37 -0.49 -24.42
C PRO B 38 -13.86 -0.99 -23.07
N VAL B 39 -12.99 -1.73 -22.38
CA VAL B 39 -13.31 -2.34 -21.10
C VAL B 39 -12.16 -2.09 -20.14
N PHE B 40 -12.45 -2.22 -18.85
CA PHE B 40 -11.44 -2.19 -17.80
C PHE B 40 -11.51 -3.50 -17.03
N VAL B 41 -10.34 -4.10 -16.78
CA VAL B 41 -10.24 -5.42 -16.20
C VAL B 41 -9.38 -5.34 -14.94
N LYS B 42 -9.93 -5.83 -13.83
CA LYS B 42 -9.20 -5.93 -12.57
C LYS B 42 -8.90 -7.40 -12.30
N VAL B 43 -7.64 -7.70 -11.98
CA VAL B 43 -7.20 -9.07 -11.73
C VAL B 43 -6.71 -9.18 -10.30
N ASN B 44 -7.17 -10.21 -9.60
CA ASN B 44 -6.71 -10.51 -8.26
C ASN B 44 -6.53 -12.02 -8.15
N ARG B 45 -5.37 -12.46 -7.67
CA ARG B 45 -5.01 -13.87 -7.67
C ARG B 45 -5.25 -14.55 -6.33
N ARG B 46 -5.75 -13.82 -5.33
CA ARG B 46 -6.03 -14.42 -4.03
C ARG B 46 -7.25 -15.33 -4.11
N THR B 47 -7.33 -16.25 -3.15
CA THR B 47 -8.34 -17.30 -3.20
C THR B 47 -9.76 -16.73 -3.19
N GLN B 48 -10.00 -15.69 -2.39
CA GLN B 48 -11.33 -15.10 -2.26
C GLN B 48 -11.57 -13.94 -3.22
N ALA B 49 -10.84 -13.92 -4.34
CA ALA B 49 -11.00 -12.83 -5.31
C ALA B 49 -12.41 -12.77 -5.88
N ARG B 50 -13.03 -13.93 -6.09
CA ARG B 50 -14.39 -13.94 -6.64
C ARG B 50 -15.39 -13.31 -5.67
N GLN B 51 -15.30 -13.67 -4.40
CA GLN B 51 -16.20 -13.08 -3.40
C GLN B 51 -16.00 -11.57 -3.33
N MET B 52 -14.75 -11.11 -3.36
CA MET B 52 -14.47 -9.68 -3.29
C MET B 52 -15.02 -8.95 -4.51
N PHE B 53 -14.86 -9.52 -5.70
CA PHE B 53 -15.38 -8.88 -6.90
C PHE B 53 -16.90 -8.96 -6.97
N GLU B 54 -17.50 -10.02 -6.42
CA GLU B 54 -18.95 -10.13 -6.42
C GLU B 54 -19.58 -9.09 -5.51
N GLY B 55 -18.94 -8.79 -4.39
CA GLY B 55 -19.41 -7.70 -3.55
C GLY B 55 -19.32 -6.36 -4.24
N GLU B 56 -18.25 -6.16 -5.03
CA GLU B 56 -18.13 -4.94 -5.81
C GLU B 56 -19.22 -4.86 -6.87
N VAL B 57 -19.56 -6.00 -7.49
CA VAL B 57 -20.64 -6.03 -8.48
C VAL B 57 -21.96 -5.64 -7.82
N ALA B 58 -22.26 -6.25 -6.67
CA ALA B 58 -23.48 -5.92 -5.95
C ALA B 58 -23.50 -4.44 -5.55
N SER B 59 -22.34 -3.90 -5.19
CA SER B 59 -22.26 -2.49 -4.81
C SER B 59 -22.51 -1.58 -6.02
N LEU B 60 -21.86 -1.87 -7.14
CA LEU B 60 -22.04 -1.05 -8.34
C LEU B 60 -23.49 -1.05 -8.80
N GLU B 61 -24.14 -2.22 -8.76
CA GLU B 61 -25.53 -2.31 -9.19
C GLU B 61 -26.45 -1.54 -8.27
N ALA B 62 -26.20 -1.59 -6.96
CA ALA B 62 -27.03 -0.84 -6.01
C ALA B 62 -26.92 0.66 -6.26
N LEU B 63 -25.72 1.16 -6.54
CA LEU B 63 -25.55 2.57 -6.84
C LEU B 63 -26.18 2.94 -8.18
N ARG B 64 -26.01 2.08 -9.19
CA ARG B 64 -26.59 2.36 -10.51
C ARG B 64 -28.10 2.38 -10.46
N SER B 65 -28.71 1.59 -9.57
CA SER B 65 -30.17 1.53 -9.49
C SER B 65 -30.76 2.85 -9.04
N THR B 66 -30.01 3.65 -8.28
CA THR B 66 -30.50 4.95 -7.84
C THR B 66 -30.57 5.97 -8.97
N GLY B 67 -29.76 5.82 -10.02
CA GLY B 67 -29.71 6.82 -11.06
C GLY B 67 -29.15 8.15 -10.64
N LEU B 68 -28.55 8.24 -9.45
CA LEU B 68 -28.10 9.51 -8.90
C LEU B 68 -26.61 9.75 -9.11
N VAL B 69 -25.84 8.70 -9.40
CA VAL B 69 -24.40 8.79 -9.56
C VAL B 69 -24.00 7.99 -10.79
N ARG B 70 -22.95 8.41 -11.46
CA ARG B 70 -22.46 7.72 -12.64
C ARG B 70 -21.39 6.73 -12.22
N VAL B 71 -21.64 5.45 -12.49
CA VAL B 71 -20.82 4.36 -11.98
C VAL B 71 -20.58 3.36 -13.10
N PRO B 72 -19.40 2.73 -13.12
CA PRO B 72 -19.09 1.77 -14.18
C PRO B 72 -20.04 0.57 -14.12
N ARG B 73 -20.45 0.12 -15.30
CA ARG B 73 -21.34 -1.04 -15.38
C ARG B 73 -20.54 -2.32 -15.19
N PRO B 74 -20.87 -3.15 -14.20
CA PRO B 74 -20.20 -4.45 -14.08
C PRO B 74 -20.60 -5.36 -15.23
N MET B 75 -19.62 -6.12 -15.73
CA MET B 75 -19.85 -6.97 -16.89
C MET B 75 -19.66 -8.45 -16.60
N LYS B 76 -18.51 -8.85 -16.08
CA LYS B 76 -18.23 -10.28 -15.92
C LYS B 76 -17.20 -10.49 -14.82
N VAL B 77 -17.38 -11.55 -14.05
CA VAL B 77 -16.39 -12.06 -13.11
C VAL B 77 -15.94 -13.42 -13.63
N ILE B 78 -14.63 -13.56 -13.86
CA ILE B 78 -14.08 -14.75 -14.52
C ILE B 78 -13.13 -15.43 -13.54
N ASP B 79 -13.41 -16.71 -13.27
CA ASP B 79 -12.52 -17.50 -12.44
C ASP B 79 -11.25 -17.85 -13.22
N LEU B 80 -10.10 -17.62 -12.61
CA LEU B 80 -8.83 -17.80 -13.29
C LEU B 80 -8.25 -19.17 -12.99
N PRO B 81 -7.80 -19.91 -13.99
CA PRO B 81 -6.98 -21.10 -13.74
C PRO B 81 -5.73 -20.69 -12.98
N GLY B 82 -5.43 -21.41 -11.91
CA GLY B 82 -4.36 -21.03 -11.00
C GLY B 82 -4.81 -20.16 -9.86
N GLY B 83 -6.11 -20.03 -9.62
CA GLY B 83 -6.60 -19.27 -8.47
C GLY B 83 -6.85 -17.81 -8.80
N GLY B 84 -7.79 -17.22 -8.06
CA GLY B 84 -8.14 -15.84 -8.25
C GLY B 84 -9.24 -15.65 -9.28
N ALA B 85 -9.44 -14.38 -9.64
CA ALA B 85 -10.52 -14.03 -10.55
C ALA B 85 -10.18 -12.72 -11.26
N ALA B 86 -10.87 -12.48 -12.37
CA ALA B 86 -10.80 -11.23 -13.09
C ALA B 86 -12.19 -10.60 -13.12
N PHE B 87 -12.24 -9.27 -13.05
CA PHE B 87 -13.49 -8.53 -13.04
C PHE B 87 -13.48 -7.57 -14.22
N VAL B 88 -14.39 -7.78 -15.16
CA VAL B 88 -14.49 -6.96 -16.37
C VAL B 88 -15.64 -5.99 -16.17
N MET B 89 -15.40 -4.71 -16.48
CA MET B 89 -16.41 -3.68 -16.33
C MET B 89 -16.27 -2.66 -17.46
N GLU B 90 -17.29 -1.83 -17.59
CA GLU B 90 -17.29 -0.75 -18.57
C GLU B 90 -16.11 0.19 -18.34
N HIS B 91 -15.40 0.52 -19.41
CA HIS B 91 -14.31 1.48 -19.32
C HIS B 91 -14.85 2.90 -19.37
N LEU B 92 -14.30 3.76 -18.53
CA LEU B 92 -14.69 5.16 -18.47
C LEU B 92 -13.46 6.03 -18.63
N LYS B 93 -13.49 6.93 -19.61
CA LYS B 93 -12.45 7.94 -19.73
C LYS B 93 -12.55 8.87 -18.52
N MET B 94 -11.48 8.93 -17.73
CA MET B 94 -11.54 9.56 -16.43
C MET B 94 -10.35 10.50 -16.23
N LYS B 95 -10.60 11.56 -15.47
CA LYS B 95 -9.58 12.52 -15.08
C LYS B 95 -9.80 12.84 -13.62
N SER B 96 -8.76 13.38 -12.97
CA SER B 96 -8.83 13.64 -11.54
C SER B 96 -9.96 14.63 -11.23
N LEU B 97 -10.60 14.42 -10.08
CA LEU B 97 -11.74 15.23 -9.69
C LEU B 97 -11.29 16.61 -9.26
N SER B 98 -11.78 17.65 -9.95
CA SER B 98 -11.49 19.02 -9.56
C SER B 98 -12.68 19.93 -9.78
N SER B 99 -12.99 20.24 -11.05
CA SER B 99 -14.08 21.15 -11.35
C SER B 99 -15.44 20.57 -10.96
N GLN B 100 -15.57 19.24 -10.96
CA GLN B 100 -16.83 18.57 -10.65
C GLN B 100 -16.97 18.19 -9.18
N ALA B 101 -16.14 18.76 -8.30
CA ALA B 101 -16.18 18.37 -6.89
C ALA B 101 -17.50 18.77 -6.24
N SER B 102 -17.98 19.99 -6.50
CA SER B 102 -19.23 20.43 -5.90
C SER B 102 -20.41 19.62 -6.43
N LYS B 103 -20.36 19.24 -7.70
CA LYS B 103 -21.40 18.38 -8.26
C LYS B 103 -21.44 17.03 -7.56
N LEU B 104 -20.26 16.46 -7.26
CA LEU B 104 -20.22 15.18 -6.56
C LEU B 104 -20.80 15.30 -5.16
N GLY B 105 -20.55 16.43 -4.48
CA GLY B 105 -21.13 16.64 -3.16
C GLY B 105 -22.64 16.58 -3.16
N GLU B 106 -23.27 17.19 -4.16
CA GLU B 106 -24.73 17.13 -4.26
C GLU B 106 -25.21 15.73 -4.59
N GLN B 107 -24.48 15.02 -5.45
CA GLN B 107 -24.88 13.67 -5.82
C GLN B 107 -24.74 12.71 -4.66
N MET B 108 -23.65 12.82 -3.90
CA MET B 108 -23.48 11.96 -2.72
C MET B 108 -24.55 12.24 -1.67
N ALA B 109 -24.87 13.51 -1.47
CA ALA B 109 -25.95 13.88 -0.54
C ALA B 109 -27.27 13.31 -1.03
N ASP B 110 -27.58 13.46 -2.32
CA ASP B 110 -28.79 12.88 -2.87
C ASP B 110 -28.80 11.35 -2.72
N LEU B 111 -27.65 10.72 -2.99
CA LEU B 111 -27.54 9.27 -2.81
C LEU B 111 -27.88 8.88 -1.37
N HIS B 112 -27.33 9.60 -0.40
CA HIS B 112 -27.58 9.27 1.00
C HIS B 112 -29.02 9.52 1.39
N LEU B 113 -29.67 10.50 0.75
CA LEU B 113 -31.06 10.82 1.04
C LEU B 113 -32.05 9.95 0.26
N TYR B 114 -31.56 9.14 -0.68
CA TYR B 114 -32.46 8.36 -1.53
C TYR B 114 -33.32 7.42 -0.70
N ASN B 115 -32.72 6.75 0.28
CA ASN B 115 -33.46 5.78 1.07
C ASN B 115 -34.55 6.47 1.88
N GLN B 116 -34.27 7.68 2.37
CA GLN B 116 -35.23 8.39 3.22
C GLN B 116 -36.37 9.00 2.41
N LYS B 117 -36.08 9.55 1.22
CA LYS B 117 -37.10 10.28 0.48
C LYS B 117 -37.55 9.58 -0.81
N GLY B 118 -36.88 8.51 -1.22
CA GLY B 118 -37.25 7.78 -2.41
C GLY B 118 -38.20 6.64 -2.10
N SER B 119 -38.43 5.82 -3.12
CA SER B 119 -39.24 4.61 -2.96
C SER B 119 -38.36 3.51 -2.40
N SER B 120 -37.59 3.82 -1.36
CA SER B 120 -36.68 2.87 -0.70
C SER B 120 -37.08 2.71 0.76
N TYR B 121 -37.15 1.46 1.21
CA TYR B 121 -37.77 1.12 2.48
C TYR B 121 -36.85 0.34 3.41
N VAL B 122 -35.53 0.52 3.27
CA VAL B 122 -34.57 -0.16 4.13
C VAL B 122 -34.52 0.55 5.47
N ASP B 123 -35.12 -0.07 6.50
CA ASP B 123 -35.15 0.49 7.84
C ASP B 123 -34.15 -0.18 8.77
N LYS B 124 -33.15 -0.85 8.23
CA LYS B 124 -32.11 -1.50 9.03
C LYS B 124 -30.77 -1.23 8.37
N PHE B 125 -29.71 -1.40 9.15
CA PHE B 125 -28.35 -1.17 8.70
C PHE B 125 -27.68 -2.48 8.31
N GLY B 126 -27.00 -2.47 7.17
CA GLY B 126 -26.41 -3.68 6.62
C GLY B 126 -26.50 -3.73 5.11
N PHE B 127 -26.50 -4.95 4.55
CA PHE B 127 -26.55 -5.15 3.11
C PHE B 127 -27.03 -6.57 2.85
N HIS B 128 -27.60 -6.77 1.66
CA HIS B 128 -28.14 -8.07 1.32
C HIS B 128 -27.06 -9.11 1.06
N THR B 129 -25.82 -8.69 0.84
CA THR B 129 -24.73 -9.61 0.56
C THR B 129 -23.45 -9.06 1.18
N VAL B 130 -22.42 -9.91 1.20
CA VAL B 130 -21.13 -9.52 1.74
C VAL B 130 -20.42 -8.60 0.77
N THR B 131 -19.86 -7.50 1.30
CA THR B 131 -18.94 -6.65 0.56
C THR B 131 -17.60 -6.62 1.28
N CYS B 132 -16.54 -6.36 0.54
CA CYS B 132 -15.19 -6.45 1.07
C CYS B 132 -14.56 -5.07 1.17
N CYS B 133 -13.99 -4.77 2.34
CA CYS B 133 -13.14 -3.60 2.52
C CYS B 133 -11.74 -4.03 2.15
N GLY B 134 -11.30 -3.67 0.94
CA GLY B 134 -10.05 -4.21 0.42
C GLY B 134 -10.16 -5.70 0.21
N PHE B 135 -9.31 -6.46 0.90
CA PHE B 135 -9.36 -7.92 0.85
C PHE B 135 -10.22 -8.53 1.95
N ILE B 136 -10.64 -7.73 2.92
CA ILE B 136 -11.28 -8.25 4.13
C ILE B 136 -12.78 -8.34 3.89
N PRO B 137 -13.37 -9.54 3.95
CA PRO B 137 -14.83 -9.64 3.88
C PRO B 137 -15.48 -9.05 5.12
N GLN B 138 -16.62 -8.41 4.93
CA GLN B 138 -17.33 -7.74 6.00
C GLN B 138 -18.69 -8.39 6.23
N VAL B 139 -19.06 -8.56 7.49
CA VAL B 139 -20.40 -9.00 7.84
C VAL B 139 -21.36 -7.84 7.66
N ASN B 140 -22.42 -8.05 6.88
CA ASN B 140 -23.43 -7.03 6.64
C ASN B 140 -24.80 -7.47 7.15
N GLU B 141 -24.83 -8.40 8.10
CA GLU B 141 -26.07 -8.85 8.72
C GLU B 141 -26.86 -7.66 9.23
N TRP B 142 -28.15 -7.61 8.87
CA TRP B 142 -28.99 -6.48 9.19
C TRP B 142 -29.11 -6.26 10.69
N GLN B 143 -29.06 -5.00 11.09
CA GLN B 143 -29.10 -4.60 12.49
C GLN B 143 -29.98 -3.36 12.63
N ASP B 144 -30.84 -3.35 13.65
CA ASP B 144 -31.74 -2.22 13.85
C ASP B 144 -31.00 -1.00 14.37
N ASP B 145 -29.93 -1.20 15.13
CA ASP B 145 -29.22 -0.12 15.79
C ASP B 145 -27.88 0.10 15.09
N TRP B 146 -27.65 1.32 14.59
CA TRP B 146 -26.41 1.59 13.87
C TRP B 146 -25.18 1.51 14.75
N PRO B 147 -25.12 2.17 15.92
CA PRO B 147 -23.92 2.02 16.76
C PRO B 147 -23.59 0.56 17.09
N THR B 148 -24.61 -0.28 17.24
CA THR B 148 -24.37 -1.72 17.40
C THR B 148 -23.75 -2.31 16.15
N PHE B 149 -24.32 -2.00 14.98
CA PHE B 149 -23.79 -2.54 13.72
C PHE B 149 -22.34 -2.10 13.51
N PHE B 150 -22.05 -0.81 13.72
CA PHE B 150 -20.71 -0.31 13.47
C PHE B 150 -19.70 -0.89 14.47
N ALA B 151 -20.08 -0.96 15.74
CA ALA B 151 -19.16 -1.49 16.74
C ALA B 151 -18.90 -2.98 16.53
N ARG B 152 -19.96 -3.74 16.21
CA ARG B 152 -19.83 -5.18 16.09
C ARG B 152 -19.19 -5.59 14.77
N HIS B 153 -19.79 -5.16 13.66
CA HIS B 153 -19.43 -5.66 12.34
C HIS B 153 -18.40 -4.80 11.61
N ARG B 154 -17.90 -3.73 12.23
CA ARG B 154 -16.84 -2.95 11.63
C ARG B 154 -15.65 -2.79 12.56
N LEU B 155 -15.85 -2.15 13.72
CA LEU B 155 -14.73 -1.92 14.64
C LEU B 155 -14.24 -3.22 15.26
N GLN B 156 -15.16 -4.03 15.81
CA GLN B 156 -14.76 -5.26 16.46
C GLN B 156 -14.16 -6.26 15.47
N ALA B 157 -14.71 -6.31 14.25
CA ALA B 157 -14.17 -7.21 13.23
C ALA B 157 -12.72 -6.89 12.92
N GLN B 158 -12.40 -5.59 12.78
CA GLN B 158 -11.02 -5.20 12.51
C GLN B 158 -10.11 -5.49 13.70
N LEU B 159 -10.58 -5.18 14.91
CA LEU B 159 -9.74 -5.37 16.09
C LEU B 159 -9.55 -6.85 16.41
N ASP B 160 -10.53 -7.70 16.05
CA ASP B 160 -10.31 -9.14 16.16
C ASP B 160 -9.16 -9.58 15.26
N LEU B 161 -9.09 -9.06 14.04
CA LEU B 161 -7.99 -9.37 13.15
C LEU B 161 -6.66 -8.88 13.72
N ILE B 162 -6.67 -7.68 14.30
CA ILE B 162 -5.46 -7.12 14.91
C ILE B 162 -5.04 -7.98 16.09
N GLU B 163 -6.00 -8.44 16.90
CA GLU B 163 -5.68 -9.29 18.04
C GLU B 163 -5.06 -10.61 17.61
N LYS B 164 -5.60 -11.22 16.55
CA LYS B 164 -5.05 -12.48 16.06
C LYS B 164 -3.65 -12.29 15.50
N ASP B 165 -3.43 -11.24 14.72
CA ASP B 165 -2.19 -11.06 13.99
C ASP B 165 -1.11 -10.35 14.80
N TYR B 166 -1.48 -9.45 15.72
CA TYR B 166 -0.49 -8.68 16.45
C TYR B 166 -0.56 -8.85 17.96
N ALA B 167 -1.65 -9.41 18.50
CA ALA B 167 -1.84 -9.57 19.94
C ALA B 167 -1.49 -8.27 20.69
N ASP B 168 -2.04 -7.17 20.20
CA ASP B 168 -1.75 -5.86 20.74
C ASP B 168 -2.61 -5.62 21.98
N ARG B 169 -2.00 -5.65 23.15
CA ARG B 169 -2.75 -5.45 24.39
C ARG B 169 -3.25 -4.02 24.50
N GLU B 170 -2.44 -3.05 24.07
CA GLU B 170 -2.85 -1.65 24.14
C GLU B 170 -4.10 -1.40 23.30
N ALA B 171 -4.17 -2.01 22.11
CA ALA B 171 -5.38 -1.91 21.30
C ALA B 171 -6.57 -2.55 22.02
N ARG B 172 -6.34 -3.69 22.67
CA ARG B 172 -7.40 -4.35 23.43
C ARG B 172 -7.90 -3.46 24.56
N GLU B 173 -6.98 -2.87 25.32
CA GLU B 173 -7.36 -2.11 26.50
C GLU B 173 -8.09 -0.83 26.11
N LEU B 174 -7.60 -0.12 25.09
CA LEU B 174 -8.28 1.08 24.63
C LEU B 174 -9.64 0.77 24.04
N TRP B 175 -9.77 -0.33 23.31
CA TRP B 175 -11.04 -0.70 22.70
C TRP B 175 -12.10 -1.03 23.75
N SER B 176 -11.70 -1.73 24.82
CA SER B 176 -12.65 -2.04 25.89
C SER B 176 -13.21 -0.76 26.51
N ARG B 177 -12.36 0.26 26.65
CA ARG B 177 -12.82 1.53 27.22
C ARG B 177 -13.67 2.30 26.22
N LEU B 178 -13.28 2.27 24.94
CA LEU B 178 -14.04 3.00 23.93
C LEU B 178 -15.41 2.39 23.71
N GLN B 179 -15.55 1.08 23.93
CA GLN B 179 -16.85 0.43 23.77
C GLN B 179 -17.89 1.06 24.67
N VAL B 180 -17.48 1.48 25.88
CA VAL B 180 -18.42 2.09 26.81
C VAL B 180 -18.79 3.50 26.34
N LYS B 181 -17.90 4.17 25.61
CA LYS B 181 -18.13 5.54 25.20
C LYS B 181 -18.98 5.68 23.94
N ILE B 182 -19.08 4.61 23.14
CA ILE B 182 -19.64 4.75 21.80
C ILE B 182 -21.09 5.27 21.80
N PRO B 183 -22.01 4.74 22.62
CA PRO B 183 -23.39 5.26 22.56
C PRO B 183 -23.49 6.74 22.86
N ASP B 184 -22.59 7.28 23.70
CA ASP B 184 -22.62 8.70 24.03
C ASP B 184 -22.30 9.59 22.84
N LEU B 185 -21.57 9.07 21.85
CA LEU B 185 -21.14 9.83 20.70
C LEU B 185 -22.26 10.10 19.71
N PHE B 186 -23.47 9.60 19.95
CA PHE B 186 -24.55 9.72 18.97
C PHE B 186 -25.66 10.65 19.44
N CYS B 187 -25.51 11.27 20.62
CA CYS B 187 -26.37 12.36 21.09
C CYS B 187 -27.86 12.05 21.01
N GLY B 188 -28.23 10.78 21.14
CA GLY B 188 -29.64 10.47 21.10
C GLY B 188 -30.29 10.64 19.75
N LEU B 189 -29.52 10.76 18.68
CA LEU B 189 -30.05 10.99 17.35
C LEU B 189 -30.64 9.70 16.78
N GLU B 190 -31.71 9.87 16.01
CA GLU B 190 -32.27 8.77 15.24
C GLU B 190 -31.51 8.69 13.92
N ILE B 191 -30.83 7.58 13.70
CA ILE B 191 -30.02 7.38 12.50
C ILE B 191 -30.87 6.70 11.44
N VAL B 192 -30.88 7.26 10.25
CA VAL B 192 -31.64 6.71 9.13
C VAL B 192 -30.66 5.95 8.23
N PRO B 193 -30.99 4.73 7.81
CA PRO B 193 -30.10 4.01 6.88
C PRO B 193 -29.92 4.78 5.58
N ALA B 194 -28.67 4.84 5.12
CA ALA B 194 -28.33 5.53 3.90
C ALA B 194 -27.43 4.61 3.07
N LEU B 195 -27.76 4.47 1.78
CA LEU B 195 -26.92 3.69 0.89
C LEU B 195 -25.59 4.41 0.71
N LEU B 196 -24.50 3.73 1.04
CA LEU B 196 -23.17 4.33 1.02
C LEU B 196 -22.34 3.72 -0.10
N HIS B 197 -21.47 4.56 -0.68
CA HIS B 197 -20.44 4.04 -1.57
C HIS B 197 -19.55 3.05 -0.84
N GLY B 198 -19.08 3.41 0.36
CA GLY B 198 -18.38 2.52 1.23
C GLY B 198 -16.87 2.75 1.29
N SER B 199 -16.28 3.26 0.21
CA SER B 199 -14.86 3.57 0.17
C SER B 199 -14.64 4.80 -0.70
N LEU B 200 -15.18 5.94 -0.25
CA LEU B 200 -15.14 7.18 -1.01
C LEU B 200 -13.87 7.99 -0.69
N TRP B 201 -12.71 7.37 -0.91
CA TRP B 201 -11.48 8.14 -0.85
C TRP B 201 -11.20 8.72 -2.23
N SER B 202 -10.36 9.76 -2.24
CA SER B 202 -10.15 10.53 -3.48
C SER B 202 -9.69 9.65 -4.63
N GLY B 203 -8.96 8.57 -4.33
CA GLY B 203 -8.53 7.65 -5.36
C GLY B 203 -9.63 6.86 -6.02
N ASN B 204 -10.85 6.88 -5.45
CA ASN B 204 -11.97 6.12 -6.00
C ASN B 204 -13.00 7.02 -6.67
N VAL B 205 -12.67 8.29 -6.89
CA VAL B 205 -13.55 9.23 -7.57
C VAL B 205 -12.75 9.93 -8.66
N ALA B 206 -13.46 10.39 -9.69
CA ALA B 206 -12.84 11.02 -10.83
C ALA B 206 -13.90 11.85 -11.54
N GLU B 207 -13.62 12.23 -12.78
CA GLU B 207 -14.57 13.05 -13.55
C GLU B 207 -14.28 12.89 -15.03
N ASP B 208 -15.29 13.22 -15.83
CA ASP B 208 -15.11 13.37 -17.27
C ASP B 208 -15.75 14.71 -17.65
N ASP B 209 -16.06 14.88 -18.93
CA ASP B 209 -16.66 16.13 -19.38
C ASP B 209 -18.13 16.21 -18.96
N VAL B 210 -18.81 15.08 -18.82
CA VAL B 210 -20.19 15.09 -18.36
C VAL B 210 -20.28 15.49 -16.88
N GLY B 211 -19.38 14.96 -16.04
CA GLY B 211 -19.41 15.25 -14.63
C GLY B 211 -18.64 14.24 -13.81
N PRO B 212 -18.93 14.18 -12.50
CA PRO B 212 -18.14 13.32 -11.60
C PRO B 212 -18.44 11.85 -11.82
N ILE B 213 -17.44 11.02 -11.50
CA ILE B 213 -17.53 9.57 -11.60
C ILE B 213 -16.97 8.98 -10.31
N ILE B 214 -17.64 7.95 -9.79
CA ILE B 214 -17.16 7.20 -8.64
C ILE B 214 -17.15 5.72 -8.99
N TYR B 215 -16.28 4.97 -8.32
CA TYR B 215 -16.05 3.57 -8.66
C TYR B 215 -15.44 2.87 -7.45
N ASP B 216 -15.23 1.56 -7.59
CA ASP B 216 -14.61 0.71 -6.58
C ASP B 216 -15.34 0.75 -5.24
N PRO B 217 -16.66 0.59 -5.21
CA PRO B 217 -17.39 0.73 -3.95
C PRO B 217 -17.40 -0.55 -3.14
N ALA B 218 -17.67 -0.39 -1.84
CA ALA B 218 -17.92 -1.48 -0.91
C ALA B 218 -19.18 -1.08 -0.13
N SER B 219 -20.33 -1.26 -0.77
CA SER B 219 -21.54 -0.58 -0.35
C SER B 219 -22.26 -1.32 0.77
N PHE B 220 -23.03 -0.56 1.54
CA PHE B 220 -23.94 -1.06 2.57
C PHE B 220 -24.76 0.12 3.06
N TYR B 221 -25.83 -0.19 3.80
CA TYR B 221 -26.68 0.83 4.40
C TYR B 221 -26.14 1.16 5.78
N GLY B 222 -25.63 2.38 5.95
CA GLY B 222 -25.07 2.79 7.21
C GLY B 222 -25.36 4.25 7.53
N HIS B 223 -24.65 4.80 8.51
CA HIS B 223 -24.73 6.22 8.79
C HIS B 223 -24.10 7.01 7.65
N SER B 224 -24.82 8.03 7.16
CA SER B 224 -24.31 8.83 6.04
C SER B 224 -22.98 9.49 6.39
N GLU B 225 -22.75 9.79 7.67
CA GLU B 225 -21.51 10.45 8.08
C GLU B 225 -20.29 9.57 7.84
N PHE B 226 -20.44 8.24 7.93
CA PHE B 226 -19.30 7.36 7.73
C PHE B 226 -18.67 7.55 6.35
N GLU B 227 -19.48 7.87 5.34
CA GLU B 227 -18.96 8.05 3.99
C GLU B 227 -17.89 9.14 3.94
N LEU B 228 -18.13 10.26 4.63
CA LEU B 228 -17.22 11.40 4.54
C LEU B 228 -15.91 11.18 5.28
N ALA B 229 -15.86 10.21 6.20
CA ALA B 229 -14.68 10.05 7.05
C ALA B 229 -13.42 9.74 6.23
N ILE B 230 -13.43 8.62 5.49
CA ILE B 230 -12.33 8.32 4.57
C ILE B 230 -12.04 9.50 3.65
N ALA B 231 -13.09 10.19 3.18
CA ALA B 231 -12.90 11.28 2.22
C ALA B 231 -12.08 12.41 2.85
N LEU B 232 -12.29 12.68 4.13
CA LEU B 232 -11.56 13.75 4.81
C LEU B 232 -10.13 13.34 5.15
N MET B 233 -9.94 12.15 5.71
CA MET B 233 -8.65 11.80 6.31
C MET B 233 -7.53 11.78 5.27
N PHE B 234 -7.75 11.12 4.14
CA PHE B 234 -6.70 10.90 3.16
C PHE B 234 -6.64 11.99 2.11
N GLY B 235 -7.39 13.08 2.30
CA GLY B 235 -7.33 14.22 1.42
C GLY B 235 -7.79 13.95 -0.02
N GLY B 236 -7.58 14.97 -0.84
CA GLY B 236 -7.88 14.91 -2.25
C GLY B 236 -9.22 15.50 -2.66
N PHE B 237 -10.12 15.75 -1.70
CA PHE B 237 -11.39 16.37 -2.08
C PHE B 237 -11.31 17.87 -1.87
N PRO B 238 -11.65 18.67 -2.89
CA PRO B 238 -11.73 20.12 -2.71
C PRO B 238 -12.79 20.48 -1.67
N ARG B 239 -12.60 21.66 -1.07
CA ARG B 239 -13.53 22.12 -0.05
C ARG B 239 -14.95 22.21 -0.58
N SER B 240 -15.12 22.53 -1.86
CA SER B 240 -16.46 22.70 -2.43
C SER B 240 -17.26 21.41 -2.38
N PHE B 241 -16.59 20.26 -2.37
CA PHE B 241 -17.30 18.99 -2.23
C PHE B 241 -18.07 18.94 -0.93
N PHE B 242 -17.40 19.22 0.19
CA PHE B 242 -18.05 19.15 1.50
C PHE B 242 -19.06 20.27 1.68
N THR B 243 -18.78 21.45 1.13
CA THR B 243 -19.74 22.56 1.22
C THR B 243 -21.05 22.22 0.53
N ALA B 244 -20.96 21.70 -0.70
CA ALA B 244 -22.17 21.31 -1.42
C ALA B 244 -22.89 20.18 -0.71
N TYR B 245 -22.14 19.21 -0.18
CA TYR B 245 -22.76 18.09 0.52
C TYR B 245 -23.53 18.56 1.75
N HIS B 246 -22.88 19.35 2.60
CA HIS B 246 -23.48 19.75 3.87
C HIS B 246 -24.54 20.82 3.71
N ARG B 247 -24.67 21.42 2.52
CA ARG B 247 -25.82 22.26 2.25
C ARG B 247 -27.11 21.45 2.23
N LYS B 248 -27.05 20.20 1.76
CA LYS B 248 -28.20 19.32 1.75
C LYS B 248 -28.32 18.48 3.02
N ILE B 249 -27.20 18.08 3.61
CA ILE B 249 -27.21 17.31 4.85
C ILE B 249 -26.34 18.02 5.89
N PRO B 250 -26.90 18.91 6.70
CA PRO B 250 -26.09 19.61 7.71
C PRO B 250 -25.52 18.64 8.72
N LYS B 251 -24.43 19.07 9.35
CA LYS B 251 -23.77 18.26 10.38
C LYS B 251 -24.66 18.17 11.62
N ALA B 252 -25.05 16.95 11.97
CA ALA B 252 -25.81 16.71 13.17
C ALA B 252 -24.92 16.93 14.40
N PRO B 253 -25.52 17.17 15.57
CA PRO B 253 -24.71 17.37 16.78
C PRO B 253 -23.83 16.16 17.08
N GLY B 254 -22.59 16.45 17.48
CA GLY B 254 -21.60 15.41 17.70
C GLY B 254 -20.90 14.93 16.46
N PHE B 255 -20.99 15.67 15.35
CA PHE B 255 -20.36 15.26 14.10
C PHE B 255 -18.85 15.07 14.26
N ASP B 256 -18.18 16.01 14.94
CA ASP B 256 -16.73 15.99 15.01
C ASP B 256 -16.22 14.79 15.82
N GLN B 257 -16.97 14.37 16.84
CA GLN B 257 -16.55 13.23 17.63
C GLN B 257 -16.78 11.92 16.89
N ARG B 258 -17.94 11.80 16.22
CA ARG B 258 -18.21 10.60 15.42
C ARG B 258 -17.24 10.50 14.25
N LEU B 259 -16.76 11.62 13.72
CA LEU B 259 -15.78 11.59 12.65
C LEU B 259 -14.50 10.90 13.10
N LEU B 260 -14.04 11.18 14.32
CA LEU B 260 -12.91 10.45 14.88
C LEU B 260 -13.20 8.96 14.95
N LEU B 261 -14.42 8.60 15.37
CA LEU B 261 -14.79 7.19 15.45
C LEU B 261 -14.76 6.52 14.08
N TYR B 262 -15.31 7.20 13.06
CA TYR B 262 -15.35 6.61 11.73
C TYR B 262 -13.97 6.60 11.09
N GLN B 263 -13.14 7.61 11.37
CA GLN B 263 -11.76 7.58 10.90
C GLN B 263 -10.97 6.47 11.57
N LEU B 264 -11.33 6.13 12.81
CA LEU B 264 -10.66 5.03 13.51
C LEU B 264 -10.78 3.73 12.73
N PHE B 265 -11.98 3.42 12.22
CA PHE B 265 -12.18 2.21 11.43
C PHE B 265 -11.20 2.15 10.26
N ASN B 266 -11.03 3.28 9.55
CA ASN B 266 -10.15 3.30 8.39
C ASN B 266 -8.69 3.14 8.80
N TYR B 267 -8.31 3.68 9.96
CA TYR B 267 -6.95 3.46 10.47
C TYR B 267 -6.73 1.99 10.82
N LEU B 268 -7.70 1.38 11.50
CA LEU B 268 -7.62 -0.06 11.78
C LEU B 268 -7.58 -0.87 10.49
N ASN B 269 -8.43 -0.51 9.52
CA ASN B 269 -8.45 -1.22 8.24
C ASN B 269 -7.10 -1.09 7.54
N HIS B 270 -6.45 0.07 7.65
CA HIS B 270 -5.13 0.23 7.06
C HIS B 270 -4.07 -0.52 7.86
N TRP B 271 -4.29 -0.68 9.16
CA TRP B 271 -3.37 -1.49 9.97
C TRP B 271 -3.41 -2.95 9.53
N ASN B 272 -4.61 -3.49 9.34
CA ASN B 272 -4.72 -4.88 8.91
C ASN B 272 -4.23 -5.08 7.48
N HIS B 273 -4.35 -4.06 6.63
CA HIS B 273 -3.94 -4.17 5.25
C HIS B 273 -2.45 -3.88 5.06
N PHE B 274 -1.95 -2.82 5.68
CA PHE B 274 -0.60 -2.36 5.39
C PHE B 274 0.38 -2.58 6.53
N GLY B 275 -0.10 -2.78 7.75
CA GLY B 275 0.73 -3.21 8.86
C GLY B 275 0.92 -2.18 9.96
N ARG B 276 1.94 -2.43 10.78
CA ARG B 276 2.07 -1.80 12.10
C ARG B 276 2.25 -0.28 12.06
N GLU B 277 2.65 0.28 10.93
CA GLU B 277 2.77 1.73 10.82
C GLU B 277 1.49 2.44 11.19
N TYR B 278 0.35 1.78 11.02
CA TYR B 278 -0.95 2.37 11.31
C TYR B 278 -1.41 2.05 12.72
N ARG B 279 -0.53 1.47 13.54
CA ARG B 279 -0.85 1.25 14.95
C ARG B 279 -0.93 2.58 15.70
N SER B 280 0.08 3.43 15.54
CA SER B 280 0.08 4.73 16.21
C SER B 280 -1.11 5.59 15.85
N PRO B 281 -1.50 5.73 14.57
CA PRO B 281 -2.75 6.47 14.29
C PRO B 281 -3.98 5.83 14.91
N SER B 282 -4.07 4.50 14.87
CA SER B 282 -5.22 3.81 15.44
C SER B 282 -5.31 4.04 16.94
N LEU B 283 -4.19 3.87 17.66
CA LEU B 283 -4.20 4.06 19.10
C LEU B 283 -4.41 5.52 19.47
N GLY B 284 -3.76 6.44 18.75
CA GLY B 284 -3.93 7.85 19.04
C GLY B 284 -5.37 8.31 18.89
N THR B 285 -6.05 7.81 17.86
CA THR B 285 -7.46 8.18 17.68
C THR B 285 -8.33 7.66 18.81
N MET B 286 -8.06 6.43 19.27
CA MET B 286 -8.82 5.88 20.40
C MET B 286 -8.58 6.68 21.66
N ARG B 287 -7.33 7.10 21.89
CA ARG B 287 -7.01 7.91 23.07
C ARG B 287 -7.69 9.26 22.98
N ARG B 288 -7.71 9.89 21.80
CA ARG B 288 -8.37 11.17 21.63
C ARG B 288 -9.86 11.07 21.94
N LEU B 289 -10.49 9.96 21.56
CA LEU B 289 -11.91 9.77 21.84
C LEU B 289 -12.17 9.55 23.32
N LEU B 290 -11.20 8.97 24.04
CA LEU B 290 -11.35 8.71 25.46
C LEU B 290 -10.97 9.89 26.34
N LYS B 291 -10.45 10.97 25.76
CA LYS B 291 -10.05 12.14 26.53
C LYS B 291 -11.24 13.03 26.84
#